data_7TQB
#
_entry.id   7TQB
#
_cell.length_a   38.426
_cell.length_b   158.884
_cell.length_c   43.142
_cell.angle_alpha   90.000
_cell.angle_beta   105.150
_cell.angle_gamma   90.000
#
_symmetry.space_group_name_H-M   'P 1 21 1'
#
loop_
_entity.id
_entity.type
_entity.pdbx_description
1 polymer 'FAB S9.6 Heavy Chain'
2 polymer 'FAB S9.6 Light Chain'
3 polymer RNA
4 polymer DNA
5 non-polymer GLYCEROL
6 water water
#
loop_
_entity_poly.entity_id
_entity_poly.type
_entity_poly.pdbx_seq_one_letter_code
_entity_poly.pdbx_strand_id
1 'polypeptide(L)'
;EVQLQQSGPELVKPGASVKMSCKASGYTFTSYVMHWVKQKPGQGLEWIGFINLYNDGTKYNEKFKGKATLTSDKSSSTAY
MELSSLTSKDSAVYYCARDYYGSRWFDYWGQGTTLTVSSAKTTAPSVYPLAPVCGDTTGSSVTLGCLVKGYFPEPVTLTW
NSGSLSSGVHTFPAVLQSDLYTLSSSVTVTSSTWPSQSITCNVAHPASSTKVDKKISALPETGGGHHHHHH
;
H
2 'polypeptide(L)'
;DVLMTQTPLSLPVSLGDQASISCRSSQSIVHSNGNTYLEWYLQKPGQSPKLLIYKVSNRFSGVPDRFSGSGSGTDFTLKI
SRVEAEDLGVYYCFQGSHVPYTFGGGTKLEIKRADAAPTVSIFPPSSEQLTSGGASVVCFLNNFYPKDINVKWKIDGSEV
QNGVLNSWTDQDSKDSTYSMSSTLTLTKDEYERHNSYTCEATHKTSTSPIVKSFNRNEC
;
L
3 'polyribonucleotide' CUUGUCUGACACG A
4 'polydeoxyribonucleotide' (DC)(DG)(DT)(DG)(DT)(DC)(DA)(DG)(DA)(DC)(DA)(DA)(DG) B
#
# COMPACT_ATOMS: atom_id res chain seq x y z
N GLU A 1 -21.37 -12.31 5.24
CA GLU A 1 -21.87 -10.97 5.64
C GLU A 1 -21.15 -10.62 6.93
N VAL A 2 -20.17 -11.43 7.31
CA VAL A 2 -19.34 -11.12 8.49
C VAL A 2 -18.48 -9.94 8.07
N GLN A 3 -18.72 -8.80 8.67
CA GLN A 3 -17.87 -7.63 8.39
C GLN A 3 -17.13 -7.24 9.68
N LEU A 4 -15.97 -6.57 9.58
CA LEU A 4 -15.13 -6.15 10.71
C LEU A 4 -14.73 -4.70 10.38
N GLN A 5 -15.15 -3.70 11.15
CA GLN A 5 -14.92 -2.27 10.98
C GLN A 5 -14.05 -1.76 12.12
N GLN A 6 -12.89 -1.20 11.77
CA GLN A 6 -11.97 -0.65 12.75
C GLN A 6 -12.09 0.86 12.82
N SER A 7 -11.48 1.44 13.85
CA SER A 7 -11.51 2.88 14.02
C SER A 7 -10.68 3.56 12.93
N GLY A 8 -10.77 4.88 12.85
CA GLY A 8 -10.09 5.55 11.76
C GLY A 8 -8.68 5.87 12.10
N PRO A 9 -8.01 6.69 11.30
CA PRO A 9 -6.62 6.98 11.52
C PRO A 9 -6.25 7.65 12.85
N GLU A 10 -4.98 7.54 13.26
CA GLU A 10 -4.52 8.08 14.56
C GLU A 10 -3.09 8.59 14.55
N LEU A 11 -2.85 9.87 14.85
CA LEU A 11 -1.47 10.40 15.05
C LEU A 11 -1.28 10.66 16.55
N VAL A 12 -0.43 9.85 17.20
CA VAL A 12 -0.15 10.02 18.65
C VAL A 12 1.33 10.33 18.79
N LYS A 13 1.74 11.00 19.86
CA LYS A 13 3.14 11.48 20.01
C LYS A 13 3.98 10.43 20.67
N PRO A 14 5.26 10.34 20.30
CA PRO A 14 6.12 9.40 20.93
C PRO A 14 6.00 9.49 22.45
N GLY A 15 5.62 8.39 23.10
CA GLY A 15 5.57 8.34 24.56
C GLY A 15 4.20 8.06 25.08
N ALA A 16 3.22 8.01 24.18
CA ALA A 16 1.85 7.92 24.69
C ALA A 16 1.17 6.60 24.40
N SER A 17 -0.08 6.47 24.84
CA SER A 17 -0.87 5.28 24.58
C SER A 17 -1.94 5.56 23.54
N VAL A 18 -2.56 4.49 23.05
CA VAL A 18 -3.61 4.61 22.05
C VAL A 18 -4.42 3.31 22.07
N LYS A 19 -5.73 3.45 21.86
CA LYS A 19 -6.64 2.32 21.84
C LYS A 19 -7.35 2.26 20.49
N MET A 20 -7.44 1.06 19.94
CA MET A 20 -8.08 0.83 18.66
C MET A 20 -9.34 -0.02 18.83
N SER A 21 -10.27 0.13 17.89
CA SER A 21 -11.56 -0.55 17.95
C SER A 21 -11.70 -1.52 16.78
N CYS A 22 -12.52 -2.54 16.98
CA CYS A 22 -12.82 -3.52 15.93
C CYS A 22 -14.27 -3.98 16.12
N LYS A 23 -15.17 -3.33 15.41
CA LYS A 23 -16.60 -3.68 15.48
C LYS A 23 -16.89 -4.88 14.59
N ALA A 24 -17.62 -5.85 15.11
CA ALA A 24 -17.99 -7.05 14.38
C ALA A 24 -19.49 -7.07 14.16
N SER A 25 -19.91 -7.45 12.95
CA SER A 25 -21.32 -7.54 12.60
C SER A 25 -21.54 -8.75 11.71
N GLY A 26 -22.72 -9.35 11.85
CA GLY A 26 -23.10 -10.49 11.04
C GLY A 26 -22.93 -11.84 11.69
N TYR A 27 -22.38 -11.90 12.89
CA TYR A 27 -22.18 -13.17 13.58
C TYR A 27 -22.13 -12.92 15.08
N THR A 28 -22.08 -14.02 15.83
CA THR A 28 -21.98 -13.95 17.28
C THR A 28 -20.59 -13.45 17.67
N PHE A 29 -20.51 -12.20 18.13
CA PHE A 29 -19.21 -11.61 18.43
C PHE A 29 -18.46 -12.38 19.51
N THR A 30 -19.18 -13.03 20.41
CA THR A 30 -18.56 -13.73 21.52
C THR A 30 -18.08 -15.14 21.16
N SER A 31 -18.50 -15.67 20.01
CA SER A 31 -18.14 -17.04 19.65
C SER A 31 -16.69 -17.14 19.19
N TYR A 32 -16.35 -16.44 18.12
CA TYR A 32 -15.03 -16.57 17.49
C TYR A 32 -14.02 -15.67 18.17
N VAL A 33 -12.85 -16.22 18.46
CA VAL A 33 -11.78 -15.45 19.07
C VAL A 33 -11.27 -14.40 18.09
N MET A 34 -10.89 -13.23 18.60
CA MET A 34 -10.37 -12.16 17.79
C MET A 34 -8.85 -12.21 17.73
N HIS A 35 -8.30 -11.87 16.58
CA HIS A 35 -6.86 -11.82 16.35
C HIS A 35 -6.46 -10.44 15.87
N TRP A 36 -5.23 -10.04 16.18
CA TRP A 36 -4.68 -8.77 15.76
C TRP A 36 -3.36 -9.00 15.05
N VAL A 37 -3.11 -8.21 14.00
CA VAL A 37 -1.89 -8.33 13.20
C VAL A 37 -1.34 -6.94 12.95
N LYS A 38 -0.02 -6.87 12.77
CA LYS A 38 0.70 -5.63 12.52
C LYS A 38 1.48 -5.75 11.23
N GLN A 39 1.41 -4.71 10.39
CA GLN A 39 2.13 -4.69 9.12
C GLN A 39 2.63 -3.28 8.87
N LYS A 40 3.93 -3.07 9.03
CA LYS A 40 4.51 -1.78 8.72
C LYS A 40 4.34 -1.49 7.22
N PRO A 41 4.14 -0.24 6.85
CA PRO A 41 3.90 0.08 5.43
C PRO A 41 5.03 -0.42 4.55
N GLY A 42 4.67 -1.15 3.51
CA GLY A 42 5.64 -1.72 2.59
C GLY A 42 6.36 -2.94 3.09
N GLN A 43 5.90 -3.56 4.18
CA GLN A 43 6.57 -4.71 4.75
C GLN A 43 5.62 -5.90 4.91
N GLY A 44 6.08 -6.95 5.60
CA GLY A 44 5.25 -8.12 5.82
C GLY A 44 4.38 -7.99 7.06
N LEU A 45 3.67 -9.08 7.34
CA LEU A 45 2.73 -9.12 8.45
C LEU A 45 3.39 -9.71 9.69
N GLU A 46 2.74 -9.52 10.84
CA GLU A 46 3.27 -10.02 12.10
C GLU A 46 2.11 -10.23 13.07
N TRP A 47 1.98 -11.44 13.59
CA TRP A 47 0.90 -11.74 14.53
C TRP A 47 1.17 -11.09 15.88
N ILE A 48 0.13 -10.51 16.46
CA ILE A 48 0.24 -9.83 17.74
C ILE A 48 -0.29 -10.72 18.85
N GLY A 49 -1.57 -11.08 18.76
CA GLY A 49 -2.17 -11.93 19.78
C GLY A 49 -3.65 -12.11 19.52
N PHE A 50 -4.28 -12.89 20.39
CA PHE A 50 -5.71 -13.15 20.29
C PHE A 50 -6.33 -13.13 21.68
N ILE A 51 -7.61 -12.80 21.74
CA ILE A 51 -8.35 -12.70 22.99
C ILE A 51 -9.60 -13.56 22.88
N ASN A 52 -9.84 -14.39 23.90
CA ASN A 52 -11.04 -15.22 23.95
C ASN A 52 -12.20 -14.32 24.39
N LEU A 53 -13.03 -13.91 23.43
CA LEU A 53 -14.09 -12.96 23.70
C LEU A 53 -15.16 -13.50 24.63
N TYR A 54 -15.17 -14.81 24.91
CA TYR A 54 -16.14 -15.36 25.85
C TYR A 54 -15.67 -15.20 27.29
N ASN A 55 -14.37 -15.40 27.54
CA ASN A 55 -13.79 -15.23 28.87
C ASN A 55 -12.86 -14.04 28.97
N ASP A 56 -12.54 -13.37 27.86
CA ASP A 56 -11.58 -12.27 27.84
C ASP A 56 -10.17 -12.74 28.18
N GLY A 57 -9.89 -14.03 27.99
CA GLY A 57 -8.54 -14.53 28.19
C GLY A 57 -7.68 -14.20 26.99
N THR A 58 -6.53 -13.58 27.24
CA THR A 58 -5.68 -13.06 26.18
C THR A 58 -4.40 -13.88 26.08
N LYS A 59 -3.85 -13.94 24.87
CA LYS A 59 -2.57 -14.58 24.59
C LYS A 59 -1.82 -13.67 23.63
N TYR A 60 -0.59 -13.32 23.99
CA TYR A 60 0.18 -12.33 23.25
C TYR A 60 1.43 -12.96 22.66
N ASN A 61 2.01 -12.26 21.68
CA ASN A 61 3.35 -12.56 21.20
C ASN A 61 4.34 -11.93 22.18
N GLU A 62 5.25 -12.76 22.72
CA GLU A 62 6.11 -12.30 23.80
C GLU A 62 6.84 -11.01 23.46
N LYS A 63 7.09 -10.76 22.17
CA LYS A 63 7.68 -9.49 21.78
C LYS A 63 6.70 -8.34 21.85
N PHE A 64 5.41 -8.62 22.04
CA PHE A 64 4.39 -7.59 22.15
C PHE A 64 3.88 -7.40 23.57
N LYS A 65 4.33 -8.22 24.52
CA LYS A 65 3.95 -8.03 25.90
C LYS A 65 4.56 -6.73 26.42
N GLY A 66 3.73 -5.87 26.98
CA GLY A 66 4.12 -4.54 27.39
C GLY A 66 3.77 -3.46 26.39
N LYS A 67 3.49 -3.83 25.14
CA LYS A 67 3.06 -2.90 24.11
C LYS A 67 1.56 -2.97 23.84
N ALA A 68 1.02 -4.18 23.69
CA ALA A 68 -0.38 -4.38 23.36
C ALA A 68 -1.15 -4.85 24.57
N THR A 69 -2.47 -4.58 24.55
CA THR A 69 -3.36 -5.02 25.62
C THR A 69 -4.73 -5.24 24.99
N LEU A 70 -5.15 -6.50 24.89
CA LEU A 70 -6.38 -6.86 24.20
C LEU A 70 -7.54 -6.87 25.18
N THR A 71 -8.53 -6.03 24.93
CA THR A 71 -9.78 -6.02 25.69
C THR A 71 -10.93 -5.85 24.70
N SER A 72 -12.15 -5.92 25.23
CA SER A 72 -13.33 -5.82 24.39
C SER A 72 -14.53 -5.42 25.24
N ASP A 73 -15.61 -5.07 24.55
CA ASP A 73 -16.91 -4.76 25.14
C ASP A 73 -17.92 -5.71 24.50
N LYS A 74 -18.08 -6.88 25.12
CA LYS A 74 -18.86 -7.95 24.50
C LYS A 74 -20.28 -7.52 24.16
N SER A 75 -20.82 -6.53 24.88
CA SER A 75 -22.18 -6.09 24.61
C SER A 75 -22.26 -5.29 23.31
N SER A 76 -21.29 -4.41 23.08
CA SER A 76 -21.27 -3.58 21.88
C SER A 76 -20.63 -4.27 20.69
N SER A 77 -20.26 -5.54 20.81
CA SER A 77 -19.64 -6.28 19.71
C SER A 77 -18.40 -5.56 19.19
N THR A 78 -17.68 -4.88 20.07
CA THR A 78 -16.49 -4.11 19.70
C THR A 78 -15.28 -4.66 20.43
N ALA A 79 -14.22 -4.93 19.67
CA ALA A 79 -12.95 -5.39 20.22
C ALA A 79 -11.96 -4.25 20.23
N TYR A 80 -11.18 -4.16 21.30
CA TYR A 80 -10.24 -3.07 21.50
C TYR A 80 -8.81 -3.59 21.57
N MET A 81 -7.87 -2.68 21.34
CA MET A 81 -6.45 -2.96 21.49
C MET A 81 -5.74 -1.68 21.92
N GLU A 82 -4.84 -1.81 22.88
CA GLU A 82 -4.14 -0.65 23.45
C GLU A 82 -2.64 -0.80 23.21
N LEU A 83 -2.02 0.30 22.79
CA LEU A 83 -0.58 0.36 22.54
C LEU A 83 0.01 1.46 23.40
N SER A 84 0.80 1.09 24.41
CA SER A 84 1.42 2.03 25.32
C SER A 84 2.88 2.26 24.95
N SER A 85 3.38 3.44 25.27
CA SER A 85 4.76 3.83 24.97
C SER A 85 5.05 3.70 23.48
N LEU A 86 4.34 4.51 22.70
CA LEU A 86 4.45 4.44 21.25
C LEU A 86 5.78 5.02 20.79
N THR A 87 6.39 4.35 19.81
CA THR A 87 7.61 4.80 19.17
C THR A 87 7.44 4.73 17.66
N SER A 88 8.35 5.39 16.94
CA SER A 88 8.29 5.36 15.48
C SER A 88 8.28 3.94 14.95
N LYS A 89 8.90 3.01 15.69
CA LYS A 89 8.90 1.60 15.30
C LYS A 89 7.51 0.98 15.32
N ASP A 90 6.53 1.63 15.95
CA ASP A 90 5.17 1.13 16.00
C ASP A 90 4.23 1.75 14.98
N SER A 91 4.69 2.75 14.23
CA SER A 91 3.88 3.39 13.20
C SER A 91 3.69 2.41 12.05
N ALA A 92 2.52 1.80 11.98
CA ALA A 92 2.21 0.82 10.95
C ALA A 92 0.70 0.69 10.84
N VAL A 93 0.25 -0.34 10.13
CA VAL A 93 -1.17 -0.64 9.96
C VAL A 93 -1.49 -1.87 10.81
N TYR A 94 -2.53 -1.76 11.63
CA TYR A 94 -2.93 -2.82 12.55
C TYR A 94 -4.29 -3.33 12.15
N TYR A 95 -4.36 -4.60 11.75
CA TYR A 95 -5.61 -5.25 11.39
C TYR A 95 -6.13 -6.07 12.56
N CYS A 96 -7.43 -6.35 12.53
CA CYS A 96 -8.07 -7.27 13.45
C CYS A 96 -8.76 -8.36 12.63
N ALA A 97 -8.27 -9.59 12.74
CA ALA A 97 -8.78 -10.70 11.97
C ALA A 97 -9.47 -11.71 12.89
N ARG A 98 -10.62 -12.20 12.45
CA ARG A 98 -11.34 -13.21 13.21
C ARG A 98 -10.64 -14.56 13.09
N ASP A 99 -10.82 -15.39 14.11
CA ASP A 99 -10.21 -16.71 14.14
C ASP A 99 -11.11 -17.72 13.45
N TYR A 100 -10.48 -18.66 12.72
CA TYR A 100 -11.23 -19.69 12.02
C TYR A 100 -11.40 -20.94 12.88
N TYR A 101 -10.36 -21.36 13.59
CA TYR A 101 -10.43 -22.54 14.44
C TYR A 101 -9.25 -22.54 15.41
N GLY A 102 -9.53 -22.98 16.64
CA GLY A 102 -8.48 -23.18 17.64
C GLY A 102 -7.60 -21.97 17.89
N SER A 103 -8.08 -20.78 17.51
CA SER A 103 -7.32 -19.54 17.72
C SER A 103 -5.90 -19.68 17.17
N ARG A 104 -5.80 -20.19 15.94
CA ARG A 104 -4.51 -20.43 15.31
C ARG A 104 -4.31 -19.63 14.04
N TRP A 105 -5.28 -19.62 13.13
CA TRP A 105 -5.19 -18.83 11.91
C TRP A 105 -6.46 -18.02 11.73
N PHE A 106 -6.42 -17.11 10.76
CA PHE A 106 -7.46 -16.10 10.58
C PHE A 106 -8.23 -16.35 9.28
N ASP A 107 -9.47 -15.89 9.25
CA ASP A 107 -10.30 -15.98 8.05
C ASP A 107 -10.72 -14.62 7.53
N TYR A 108 -11.30 -13.76 8.37
CA TYR A 108 -11.78 -12.46 7.95
C TYR A 108 -10.93 -11.36 8.56
N TRP A 109 -10.76 -10.27 7.81
CA TRP A 109 -9.90 -9.17 8.21
C TRP A 109 -10.65 -7.85 8.11
N GLY A 110 -10.27 -6.90 8.97
CA GLY A 110 -10.80 -5.57 8.88
C GLY A 110 -10.06 -4.73 7.85
N GLN A 111 -10.60 -3.53 7.60
CA GLN A 111 -9.96 -2.67 6.61
C GLN A 111 -8.58 -2.21 7.06
N GLY A 112 -8.37 -2.10 8.38
CA GLY A 112 -7.07 -1.77 8.90
C GLY A 112 -6.95 -0.33 9.38
N THR A 113 -6.54 -0.16 10.64
CA THR A 113 -6.30 1.16 11.19
C THR A 113 -4.85 1.56 10.95
N THR A 114 -4.64 2.80 10.52
CA THR A 114 -3.32 3.31 10.20
C THR A 114 -2.84 4.19 11.36
N LEU A 115 -1.87 3.71 12.10
CA LEU A 115 -1.31 4.43 13.24
C LEU A 115 -0.06 5.20 12.82
N THR A 116 0.05 6.45 13.28
CA THR A 116 1.18 7.30 12.98
C THR A 116 1.75 7.84 14.29
N VAL A 117 2.99 7.48 14.60
CA VAL A 117 3.66 7.92 15.81
C VAL A 117 4.66 9.00 15.42
N SER A 118 4.36 10.24 15.76
CA SER A 118 5.23 11.35 15.44
C SER A 118 4.78 12.58 16.22
N SER A 119 5.74 13.42 16.56
CA SER A 119 5.47 14.67 17.27
C SER A 119 5.14 15.82 16.34
N ALA A 120 5.21 15.61 15.02
CA ALA A 120 4.90 16.67 14.08
C ALA A 120 3.43 17.07 14.18
N LYS A 121 3.17 18.32 13.80
CA LYS A 121 1.82 18.88 13.98
C LYS A 121 1.07 18.72 12.69
N THR A 122 -0.25 18.91 12.75
CA THR A 122 -1.09 18.72 11.58
C THR A 122 -0.99 19.95 10.67
N THR A 123 -0.48 19.75 9.46
CA THR A 123 -0.33 20.80 8.47
C THR A 123 -1.26 20.54 7.30
N ALA A 124 -2.10 21.51 6.98
CA ALA A 124 -3.02 21.36 5.86
C ALA A 124 -2.25 21.29 4.54
N PRO A 125 -2.76 20.53 3.56
CA PRO A 125 -2.06 20.42 2.29
C PRO A 125 -2.21 21.69 1.45
N SER A 126 -1.44 21.73 0.37
CA SER A 126 -1.47 22.83 -0.58
C SER A 126 -1.64 22.24 -1.98
N VAL A 127 -2.78 22.49 -2.60
CA VAL A 127 -3.10 21.96 -3.92
C VAL A 127 -2.60 22.92 -4.98
N TYR A 128 -1.97 22.38 -6.03
CA TYR A 128 -1.42 23.17 -7.11
C TYR A 128 -1.79 22.53 -8.45
N PRO A 129 -2.33 23.29 -9.39
CA PRO A 129 -2.64 22.73 -10.71
C PRO A 129 -1.37 22.40 -11.47
N LEU A 130 -1.52 21.51 -12.46
CA LEU A 130 -0.42 21.07 -13.32
C LEU A 130 -0.83 21.26 -14.77
N ALA A 131 -0.48 22.42 -15.34
CA ALA A 131 -0.80 22.74 -16.72
C ALA A 131 0.30 22.27 -17.65
N PRO A 132 -0.04 21.85 -18.87
CA PRO A 132 0.98 21.39 -19.82
C PRO A 132 1.97 22.49 -20.16
N VAL A 133 3.07 22.09 -20.79
CA VAL A 133 4.11 23.02 -21.20
C VAL A 133 3.60 23.94 -22.30
N SER A 141 -4.47 13.71 -27.42
CA SER A 141 -4.82 13.72 -26.00
C SER A 141 -3.78 14.47 -25.19
N VAL A 142 -4.16 14.89 -23.99
CA VAL A 142 -3.27 15.62 -23.09
C VAL A 142 -3.39 15.02 -21.69
N THR A 143 -2.41 15.36 -20.84
CA THR A 143 -2.35 14.85 -19.48
C THR A 143 -2.21 16.03 -18.52
N LEU A 144 -3.05 16.04 -17.49
CA LEU A 144 -3.04 17.04 -16.44
C LEU A 144 -2.51 16.43 -15.15
N GLY A 145 -2.53 17.23 -14.08
CA GLY A 145 -2.04 16.76 -12.80
C GLY A 145 -2.61 17.56 -11.66
N CYS A 146 -2.38 17.05 -10.46
CA CYS A 146 -2.82 17.70 -9.22
C CYS A 146 -1.79 17.38 -8.15
N LEU A 147 -1.19 18.42 -7.59
CA LEU A 147 -0.07 18.28 -6.66
C LEU A 147 -0.53 18.63 -5.25
N VAL A 148 -0.52 17.62 -4.36
CA VAL A 148 -0.79 17.82 -2.94
C VAL A 148 0.55 17.76 -2.22
N LYS A 149 0.93 18.88 -1.60
CA LYS A 149 2.27 19.03 -1.03
C LYS A 149 2.19 19.53 0.41
N GLY A 150 3.05 19.00 1.28
CA GLY A 150 3.15 19.50 2.66
C GLY A 150 1.99 19.25 3.58
N TYR A 151 1.84 18.02 4.08
CA TYR A 151 0.67 17.66 4.93
C TYR A 151 1.00 16.62 5.98
N PHE A 152 0.32 16.72 7.12
CA PHE A 152 0.44 15.71 8.19
C PHE A 152 -0.92 15.64 8.83
N PRO A 153 -1.37 14.51 9.40
CA PRO A 153 -0.86 13.21 9.06
C PRO A 153 -1.64 12.59 7.90
N GLU A 154 -1.23 11.42 7.42
CA GLU A 154 -1.98 10.74 6.35
C GLU A 154 -3.28 10.31 7.00
N PRO A 155 -4.47 10.44 6.37
CA PRO A 155 -4.65 10.41 4.93
C PRO A 155 -5.22 11.58 4.14
N VAL A 156 -5.07 11.54 2.83
CA VAL A 156 -5.67 12.57 1.96
C VAL A 156 -6.61 11.85 0.99
N THR A 157 -7.65 12.52 0.46
CA THR A 157 -8.50 11.91 -0.58
C THR A 157 -8.44 12.82 -1.81
N LEU A 158 -7.84 12.34 -2.92
CA LEU A 158 -7.79 13.10 -4.17
C LEU A 158 -8.65 12.38 -5.21
N THR A 159 -9.68 13.05 -5.69
CA THR A 159 -10.56 12.50 -6.72
C THR A 159 -10.84 13.58 -7.75
N TRP A 160 -11.17 13.13 -8.97
CA TRP A 160 -11.42 14.02 -10.09
C TRP A 160 -12.90 14.02 -10.42
N ASN A 161 -13.46 15.21 -10.63
CA ASN A 161 -14.86 15.37 -11.00
C ASN A 161 -15.78 14.66 -10.01
N SER A 162 -15.53 14.90 -8.72
CA SER A 162 -16.36 14.35 -7.65
C SER A 162 -16.46 12.83 -7.71
N GLY A 163 -15.41 12.17 -8.18
CA GLY A 163 -15.37 10.74 -8.31
C GLY A 163 -15.35 10.23 -9.72
N SER A 164 -15.86 11.00 -10.68
CA SER A 164 -15.84 10.58 -12.08
C SER A 164 -14.41 10.62 -12.61
N LEU A 165 -14.27 10.33 -13.90
CA LEU A 165 -12.96 10.34 -14.55
C LEU A 165 -12.00 9.35 -13.89
N SER A 166 -12.54 8.24 -13.38
CA SER A 166 -11.70 7.25 -12.73
C SER A 166 -10.71 6.60 -13.70
N SER A 167 -11.02 6.60 -14.99
CA SER A 167 -10.12 6.03 -15.98
C SER A 167 -8.99 7.00 -16.31
N GLY A 168 -7.89 6.44 -16.79
CA GLY A 168 -6.75 7.26 -17.18
C GLY A 168 -6.22 8.15 -16.08
N VAL A 169 -6.40 7.76 -14.82
CA VAL A 169 -5.94 8.53 -13.67
C VAL A 169 -5.01 7.65 -12.85
N HIS A 170 -3.87 8.21 -12.46
CA HIS A 170 -2.89 7.51 -11.63
C HIS A 170 -2.67 8.32 -10.35
N THR A 171 -3.09 7.77 -9.22
CA THR A 171 -2.89 8.39 -7.91
C THR A 171 -1.66 7.76 -7.29
N PHE A 172 -0.57 8.51 -7.26
CA PHE A 172 0.70 7.98 -6.75
C PHE A 172 0.73 8.07 -5.23
N PRO A 173 1.25 7.04 -4.55
CA PRO A 173 1.31 7.08 -3.09
C PRO A 173 2.14 8.26 -2.60
N ALA A 174 1.78 8.77 -1.43
CA ALA A 174 2.45 9.93 -0.87
C ALA A 174 3.86 9.57 -0.41
N VAL A 175 4.74 10.56 -0.45
CA VAL A 175 6.12 10.42 0.00
C VAL A 175 6.35 11.32 1.21
N LEU A 176 7.21 10.87 2.11
CA LEU A 176 7.52 11.59 3.33
C LEU A 176 8.87 12.26 3.22
N GLN A 177 8.94 13.52 3.68
CA GLN A 177 10.18 14.28 3.63
C GLN A 177 10.11 15.41 4.64
N SER A 178 10.97 15.39 5.65
CA SER A 178 11.05 16.44 6.66
C SER A 178 9.70 16.62 7.36
N ASP A 179 9.12 15.50 7.81
CA ASP A 179 7.86 15.51 8.55
C ASP A 179 6.72 16.09 7.71
N LEU A 180 6.80 15.96 6.39
CA LEU A 180 5.77 16.46 5.50
C LEU A 180 5.51 15.44 4.41
N TYR A 181 4.27 15.44 3.90
CA TYR A 181 3.86 14.54 2.83
C TYR A 181 3.73 15.30 1.52
N THR A 182 3.76 14.55 0.42
CA THR A 182 3.60 15.11 -0.91
C THR A 182 2.98 14.05 -1.81
N LEU A 183 1.80 14.35 -2.36
CA LEU A 183 1.07 13.39 -3.17
C LEU A 183 0.67 14.05 -4.49
N SER A 184 0.86 13.32 -5.58
CA SER A 184 0.53 13.80 -6.92
C SER A 184 -0.36 12.79 -7.62
N SER A 185 -1.15 13.29 -8.57
CA SER A 185 -2.07 12.44 -9.33
C SER A 185 -2.21 13.02 -10.73
N SER A 186 -1.95 12.19 -11.74
CA SER A 186 -2.06 12.60 -13.13
C SER A 186 -3.34 12.04 -13.75
N VAL A 187 -3.83 12.74 -14.76
CA VAL A 187 -5.06 12.37 -15.45
C VAL A 187 -4.85 12.57 -16.94
N THR A 188 -5.16 11.55 -17.73
CA THR A 188 -5.02 11.58 -19.18
C THR A 188 -6.39 11.55 -19.81
N VAL A 189 -6.70 12.61 -20.57
CA VAL A 189 -8.06 12.79 -21.15
C VAL A 189 -7.93 13.03 -22.65
N THR A 190 -9.04 12.93 -23.38
CA THR A 190 -9.04 13.18 -24.85
C THR A 190 -8.67 14.65 -25.10
N SER A 191 -7.99 14.94 -26.20
CA SER A 191 -7.53 16.32 -26.48
C SER A 191 -8.75 17.19 -26.62
N SER A 192 -9.88 16.57 -26.93
CA SER A 192 -11.12 17.33 -27.19
C SER A 192 -11.65 17.98 -25.91
N THR A 193 -11.04 17.67 -24.75
CA THR A 193 -11.64 18.14 -23.49
C THR A 193 -10.96 19.35 -22.84
N TRP A 194 -9.65 19.35 -22.59
CA TRP A 194 -9.06 20.42 -21.73
C TRP A 194 -9.32 21.85 -22.18
N PRO A 195 -9.12 22.27 -23.44
CA PRO A 195 -9.45 23.64 -23.82
C PRO A 195 -10.94 23.94 -23.63
N SER A 196 -11.82 22.95 -23.88
CA SER A 196 -13.30 23.17 -23.80
C SER A 196 -13.86 22.63 -22.48
N GLN A 197 -13.70 21.34 -22.20
CA GLN A 197 -14.24 20.76 -20.96
C GLN A 197 -13.19 20.84 -19.87
N SER A 198 -13.58 21.17 -18.63
CA SER A 198 -12.63 21.38 -17.50
C SER A 198 -12.47 20.16 -16.60
N ILE A 199 -11.24 19.91 -16.12
CA ILE A 199 -10.99 18.82 -15.14
C ILE A 199 -10.69 19.43 -13.77
N THR A 200 -11.50 19.15 -12.76
CA THR A 200 -11.33 19.71 -11.43
C THR A 200 -10.78 18.66 -10.47
N CYS A 201 -9.85 19.08 -9.62
CA CYS A 201 -9.24 18.20 -8.63
C CYS A 201 -9.90 18.41 -7.28
N ASN A 202 -10.10 17.32 -6.55
CA ASN A 202 -10.77 17.32 -5.25
C ASN A 202 -9.84 16.73 -4.21
N VAL A 203 -9.29 17.58 -3.35
CA VAL A 203 -8.44 17.15 -2.25
C VAL A 203 -9.20 17.39 -0.95
N ALA A 204 -9.29 16.36 -0.11
CA ALA A 204 -10.03 16.43 1.16
C ALA A 204 -9.20 15.77 2.24
N HIS A 205 -8.38 16.57 2.92
CA HIS A 205 -7.61 16.09 4.06
C HIS A 205 -8.49 16.14 5.31
N PRO A 206 -9.01 15.00 5.76
CA PRO A 206 -9.97 15.03 6.88
C PRO A 206 -9.42 15.65 8.14
N ALA A 207 -8.09 15.68 8.30
CA ALA A 207 -7.51 16.26 9.50
C ALA A 207 -7.41 17.79 9.57
N SER A 208 -7.32 18.47 8.43
CA SER A 208 -7.20 19.90 8.36
C SER A 208 -8.15 20.70 7.43
N SER A 209 -8.38 20.19 6.23
CA SER A 209 -9.17 20.93 5.25
C SER A 209 -9.70 20.11 4.08
N THR A 210 -10.33 20.80 3.13
CA THR A 210 -10.86 20.18 1.91
C THR A 210 -10.89 21.28 0.87
N LYS A 211 -10.09 21.13 -0.19
CA LYS A 211 -9.95 22.15 -1.22
C LYS A 211 -10.37 21.58 -2.56
N VAL A 212 -10.82 22.45 -3.46
CA VAL A 212 -11.25 22.06 -4.80
C VAL A 212 -10.85 23.16 -5.76
N ASP A 213 -10.08 22.80 -6.79
CA ASP A 213 -9.63 23.77 -7.78
C ASP A 213 -9.56 23.21 -9.19
N LYS A 214 -10.02 24.01 -10.15
CA LYS A 214 -9.99 23.61 -11.56
C LYS A 214 -8.64 23.76 -12.24
N LYS A 215 -8.57 23.49 -13.55
CA LYS A 215 -7.32 23.59 -14.28
C LYS A 215 -7.59 24.65 -15.35
N ASP B 1 10.13 -19.92 18.24
CA ASP B 1 9.98 -18.90 17.21
C ASP B 1 10.39 -19.46 15.85
N VAL B 2 9.39 -19.83 15.04
CA VAL B 2 9.63 -20.46 13.75
C VAL B 2 9.54 -19.41 12.67
N LEU B 3 10.49 -19.46 11.74
CA LEU B 3 10.54 -18.52 10.61
C LEU B 3 10.04 -19.21 9.35
N MET B 4 9.54 -18.39 8.42
CA MET B 4 8.94 -18.89 7.19
C MET B 4 9.60 -18.19 6.00
N THR B 5 10.35 -18.94 5.21
CA THR B 5 11.00 -18.42 4.01
C THR B 5 10.19 -18.78 2.78
N GLN B 6 10.05 -17.83 1.87
CA GLN B 6 9.35 -18.01 0.61
C GLN B 6 10.36 -17.94 -0.52
N THR B 7 10.58 -19.08 -1.20
CA THR B 7 11.59 -19.14 -2.24
C THR B 7 11.38 -18.09 -3.33
N PRO B 8 10.20 -17.97 -3.93
CA PRO B 8 9.99 -16.94 -4.96
C PRO B 8 9.75 -15.58 -4.31
N LEU B 9 10.76 -14.70 -4.41
CA LEU B 9 10.58 -13.33 -3.93
C LEU B 9 9.74 -12.51 -4.90
N SER B 10 10.01 -12.65 -6.19
CA SER B 10 9.20 -12.05 -7.25
C SER B 10 8.96 -13.11 -8.32
N LEU B 11 7.76 -13.11 -8.90
CA LEU B 11 7.36 -14.13 -9.85
C LEU B 11 6.55 -13.51 -10.98
N PRO B 12 7.19 -13.21 -12.11
CA PRO B 12 6.45 -12.67 -13.27
C PRO B 12 5.84 -13.81 -14.08
N VAL B 13 4.52 -13.76 -14.26
CA VAL B 13 3.81 -14.80 -15.00
C VAL B 13 2.85 -14.15 -15.98
N SER B 14 2.62 -14.82 -17.10
CA SER B 14 1.66 -14.37 -18.09
C SER B 14 0.30 -15.01 -17.83
N LEU B 15 -0.75 -14.29 -18.21
CA LEU B 15 -2.10 -14.77 -17.97
C LEU B 15 -2.33 -16.12 -18.66
N GLY B 16 -2.97 -17.03 -17.94
CA GLY B 16 -3.14 -18.39 -18.41
C GLY B 16 -2.17 -19.35 -17.75
N ASP B 17 -0.94 -18.91 -17.55
CA ASP B 17 0.09 -19.75 -16.94
C ASP B 17 -0.23 -19.99 -15.47
N GLN B 18 0.48 -20.96 -14.89
CA GLN B 18 0.38 -21.25 -13.46
C GLN B 18 1.71 -20.92 -12.78
N ALA B 19 1.62 -20.55 -11.51
CA ALA B 19 2.76 -20.10 -10.72
C ALA B 19 2.94 -21.00 -9.51
N SER B 20 4.20 -21.28 -9.17
CA SER B 20 4.55 -22.11 -8.03
C SER B 20 5.31 -21.25 -7.02
N ILE B 21 4.65 -20.91 -5.92
CA ILE B 21 5.26 -20.16 -4.83
C ILE B 21 5.48 -21.14 -3.68
N SER B 22 6.74 -21.36 -3.33
CA SER B 22 7.12 -22.30 -2.28
C SER B 22 7.43 -21.55 -0.99
N CYS B 23 7.19 -22.21 0.14
CA CYS B 23 7.37 -21.60 1.45
C CYS B 23 7.90 -22.67 2.39
N ARG B 24 9.23 -22.72 2.53
CA ARG B 24 9.89 -23.63 3.45
C ARG B 24 9.94 -23.02 4.84
N SER B 25 9.77 -23.84 5.87
CA SER B 25 9.72 -23.37 7.24
C SER B 25 11.02 -23.66 7.97
N SER B 26 11.20 -22.96 9.10
CA SER B 26 12.42 -23.09 9.88
C SER B 26 12.45 -24.38 10.68
N GLN B 27 11.34 -24.75 11.30
CA GLN B 27 11.25 -25.99 12.07
C GLN B 27 10.08 -26.83 11.58
N SER B 28 9.79 -27.93 12.26
CA SER B 28 8.65 -28.76 11.88
C SER B 28 7.36 -28.09 12.31
N ILE B 29 6.45 -27.91 11.36
CA ILE B 29 5.15 -27.31 11.65
C ILE B 29 4.09 -28.37 11.91
N VAL B 30 4.48 -29.63 11.99
CA VAL B 30 3.55 -30.73 12.26
C VAL B 30 3.23 -30.74 13.74
N HIS B 31 2.03 -30.27 14.11
CA HIS B 31 1.61 -30.30 15.49
C HIS B 31 1.38 -31.74 15.95
N SER B 32 1.30 -31.91 17.27
CA SER B 32 1.06 -33.24 17.83
C SER B 32 -0.22 -33.85 17.26
N ASN B 33 -1.17 -33.03 16.82
CA ASN B 33 -2.41 -33.53 16.24
C ASN B 33 -2.17 -34.40 15.02
N GLY B 34 -0.98 -34.32 14.42
CA GLY B 34 -0.79 -34.79 13.07
C GLY B 34 -1.23 -33.81 12.02
N ASN B 35 -1.87 -32.71 12.41
CA ASN B 35 -2.35 -31.70 11.49
C ASN B 35 -1.32 -30.58 11.34
N THR B 36 -1.17 -30.09 10.12
CA THR B 36 -0.28 -28.98 9.80
C THR B 36 -1.12 -27.73 9.57
N TYR B 37 -0.89 -26.69 10.38
CA TYR B 37 -1.66 -25.46 10.28
C TYR B 37 -0.87 -24.43 9.47
N LEU B 38 -0.78 -24.70 8.18
CA LEU B 38 -0.12 -23.80 7.24
C LEU B 38 -1.16 -23.14 6.34
N GLU B 39 -1.11 -21.82 6.27
CA GLU B 39 -2.07 -21.03 5.52
C GLU B 39 -1.37 -20.30 4.38
N TRP B 40 -2.17 -19.80 3.45
CA TRP B 40 -1.68 -18.92 2.39
C TRP B 40 -2.64 -17.74 2.31
N TYR B 41 -2.08 -16.53 2.30
CA TYR B 41 -2.87 -15.31 2.32
C TYR B 41 -2.49 -14.41 1.15
N LEU B 42 -3.50 -13.74 0.61
CA LEU B 42 -3.34 -12.86 -0.55
C LEU B 42 -3.72 -11.45 -0.14
N GLN B 43 -2.86 -10.49 -0.45
CA GLN B 43 -3.08 -9.08 -0.13
C GLN B 43 -2.96 -8.28 -1.43
N LYS B 44 -4.09 -8.09 -2.11
CA LYS B 44 -4.09 -7.27 -3.31
C LYS B 44 -3.79 -5.81 -2.94
N PRO B 45 -3.20 -5.05 -3.86
CA PRO B 45 -2.82 -3.67 -3.55
C PRO B 45 -4.00 -2.88 -2.97
N GLY B 46 -3.69 -2.08 -1.95
CA GLY B 46 -4.72 -1.24 -1.33
C GLY B 46 -5.83 -2.01 -0.66
N GLN B 47 -5.55 -3.21 -0.17
CA GLN B 47 -6.56 -4.01 0.51
C GLN B 47 -5.89 -4.85 1.59
N SER B 48 -6.71 -5.30 2.55
CA SER B 48 -6.24 -6.15 3.62
C SER B 48 -6.27 -7.62 3.21
N PRO B 49 -5.46 -8.45 3.84
CA PRO B 49 -5.27 -9.83 3.35
C PRO B 49 -6.56 -10.65 3.39
N LYS B 50 -6.58 -11.70 2.55
CA LYS B 50 -7.68 -12.64 2.48
C LYS B 50 -7.13 -14.06 2.48
N LEU B 51 -7.81 -14.96 3.20
CA LEU B 51 -7.36 -16.35 3.29
C LEU B 51 -7.65 -17.11 2.01
N LEU B 52 -6.67 -17.93 1.59
CA LEU B 52 -6.81 -18.75 0.38
C LEU B 52 -6.79 -20.24 0.71
N ILE B 53 -5.72 -20.74 1.35
CA ILE B 53 -5.57 -22.14 1.73
C ILE B 53 -5.36 -22.18 3.23
N TYR B 54 -5.92 -23.19 3.90
CA TYR B 54 -5.94 -23.13 5.35
C TYR B 54 -5.57 -24.39 6.11
N LYS B 55 -5.20 -25.50 5.46
CA LYS B 55 -4.58 -26.59 6.21
C LYS B 55 -3.15 -26.84 5.74
N VAL B 56 -2.97 -27.40 4.55
CA VAL B 56 -1.76 -27.22 3.76
C VAL B 56 -2.27 -27.09 2.32
N SER B 57 -3.51 -27.56 2.14
CA SER B 57 -4.13 -27.70 0.83
C SER B 57 -5.62 -27.38 0.85
N ASN B 58 -6.18 -26.98 1.99
CA ASN B 58 -7.61 -26.81 2.15
C ASN B 58 -7.99 -25.42 1.67
N ARG B 59 -8.92 -25.34 0.71
CA ARG B 59 -9.30 -24.08 0.11
C ARG B 59 -10.44 -23.43 0.90
N PHE B 60 -10.29 -22.13 1.16
CA PHE B 60 -11.31 -21.37 1.86
C PHE B 60 -12.45 -20.99 0.92
N SER B 61 -13.61 -20.69 1.51
CA SER B 61 -14.80 -20.35 0.76
C SER B 61 -14.55 -19.12 -0.11
N GLY B 62 -14.56 -19.31 -1.43
CA GLY B 62 -14.36 -18.22 -2.36
C GLY B 62 -13.33 -18.53 -3.43
N VAL B 63 -12.39 -19.43 -3.12
CA VAL B 63 -11.29 -19.73 -4.03
C VAL B 63 -11.66 -20.89 -4.95
N PRO B 64 -11.28 -20.83 -6.23
CA PRO B 64 -11.54 -21.96 -7.14
C PRO B 64 -10.55 -23.09 -6.99
N ASP B 65 -10.64 -24.10 -7.86
CA ASP B 65 -9.68 -25.21 -7.84
C ASP B 65 -8.31 -24.83 -8.37
N ARG B 66 -8.17 -23.68 -9.04
CA ARG B 66 -6.87 -23.28 -9.54
C ARG B 66 -5.83 -23.27 -8.42
N PHE B 67 -6.22 -22.74 -7.26
CA PHE B 67 -5.33 -22.69 -6.10
C PHE B 67 -5.32 -24.05 -5.42
N SER B 68 -4.16 -24.69 -5.39
CA SER B 68 -3.97 -25.92 -4.62
C SER B 68 -2.69 -25.79 -3.81
N GLY B 69 -2.67 -26.44 -2.66
CA GLY B 69 -1.51 -26.42 -1.77
C GLY B 69 -0.99 -27.83 -1.55
N SER B 70 0.34 -27.97 -1.56
CA SER B 70 0.96 -29.26 -1.35
C SER B 70 2.12 -29.14 -0.38
N GLY B 71 2.89 -30.20 -0.22
CA GLY B 71 4.05 -30.18 0.64
C GLY B 71 3.69 -30.35 2.10
N SER B 72 4.43 -31.19 2.80
CA SER B 72 4.26 -31.39 4.22
C SER B 72 5.62 -31.39 4.89
N GLY B 73 5.61 -31.27 6.22
CA GLY B 73 6.85 -31.19 6.97
C GLY B 73 7.40 -29.79 7.04
N THR B 74 8.42 -29.50 6.22
CA THR B 74 9.06 -28.19 6.23
C THR B 74 9.06 -27.50 4.87
N ASP B 75 8.66 -28.20 3.80
CA ASP B 75 8.64 -27.64 2.46
C ASP B 75 7.18 -27.57 2.01
N PHE B 76 6.73 -26.38 1.65
CA PHE B 76 5.34 -26.19 1.23
C PHE B 76 5.30 -25.38 -0.06
N THR B 77 4.34 -25.70 -0.91
CA THR B 77 4.19 -25.09 -2.21
C THR B 77 2.76 -24.61 -2.39
N LEU B 78 2.59 -23.45 -3.01
CA LEU B 78 1.29 -22.96 -3.43
C LEU B 78 1.25 -22.92 -4.95
N LYS B 79 0.24 -23.54 -5.54
CA LYS B 79 0.10 -23.63 -6.98
C LYS B 79 -1.10 -22.79 -7.42
N ILE B 80 -0.85 -21.77 -8.22
CA ILE B 80 -1.89 -20.92 -8.78
C ILE B 80 -1.96 -21.22 -10.27
N SER B 81 -2.92 -22.06 -10.65
CA SER B 81 -3.11 -22.45 -12.04
C SER B 81 -4.06 -21.47 -12.73
N ARG B 82 -3.90 -21.36 -14.05
CA ARG B 82 -4.77 -20.50 -14.86
C ARG B 82 -4.78 -19.08 -14.32
N VAL B 83 -3.59 -18.53 -14.13
CA VAL B 83 -3.39 -17.24 -13.49
C VAL B 83 -4.25 -16.17 -14.16
N GLU B 84 -4.76 -15.24 -13.36
CA GLU B 84 -5.61 -14.15 -13.83
C GLU B 84 -4.95 -12.81 -13.48
N ALA B 85 -5.59 -11.73 -13.91
CA ALA B 85 -5.07 -10.40 -13.61
C ALA B 85 -5.51 -9.92 -12.23
N GLU B 86 -6.65 -10.40 -11.75
CA GLU B 86 -7.11 -10.11 -10.40
C GLU B 86 -6.35 -10.91 -9.35
N ASP B 87 -5.29 -11.61 -9.75
CA ASP B 87 -4.44 -12.35 -8.84
C ASP B 87 -3.17 -11.60 -8.48
N LEU B 88 -3.09 -10.32 -8.80
CA LEU B 88 -1.95 -9.50 -8.38
C LEU B 88 -1.90 -9.40 -6.86
N GLY B 89 -0.73 -9.03 -6.36
CA GLY B 89 -0.49 -8.88 -4.94
C GLY B 89 0.49 -9.92 -4.42
N VAL B 90 0.90 -9.69 -3.18
CA VAL B 90 1.86 -10.57 -2.52
C VAL B 90 1.10 -11.68 -1.81
N TYR B 91 1.75 -12.84 -1.70
CA TYR B 91 1.18 -14.01 -1.06
C TYR B 91 2.04 -14.37 0.14
N TYR B 92 1.41 -14.47 1.30
CA TYR B 92 2.08 -14.82 2.54
C TYR B 92 1.67 -16.22 2.96
N CYS B 93 2.62 -16.99 3.47
CA CYS B 93 2.32 -18.27 4.11
C CYS B 93 2.39 -18.08 5.61
N PHE B 94 1.39 -18.58 6.33
CA PHE B 94 1.25 -18.36 7.76
C PHE B 94 1.09 -19.70 8.47
N GLN B 95 1.86 -19.89 9.53
CA GLN B 95 1.79 -21.11 10.33
C GLN B 95 1.12 -20.80 11.66
N GLY B 96 0.03 -21.49 11.93
CA GLY B 96 -0.64 -21.39 13.22
C GLY B 96 -0.39 -22.62 14.07
N SER B 97 0.87 -23.08 14.08
CA SER B 97 1.23 -24.34 14.71
C SER B 97 1.89 -24.18 16.08
N HIS B 98 2.94 -23.36 16.17
CA HIS B 98 3.72 -23.24 17.38
C HIS B 98 3.56 -21.86 18.02
N VAL B 99 4.31 -21.64 19.09
CA VAL B 99 3.96 -20.65 20.12
C VAL B 99 3.70 -19.28 19.50
N PRO B 100 4.69 -18.61 18.91
CA PRO B 100 4.40 -17.37 18.17
C PRO B 100 3.99 -17.69 16.74
N TYR B 101 2.82 -17.21 16.34
CA TYR B 101 2.36 -17.37 14.96
C TYR B 101 3.12 -16.42 14.06
N THR B 102 3.74 -16.95 13.00
CA THR B 102 4.66 -16.19 12.17
C THR B 102 4.33 -16.34 10.69
N PHE B 103 4.45 -15.24 9.95
CA PHE B 103 4.26 -15.24 8.51
C PHE B 103 5.59 -15.44 7.81
N GLY B 104 5.55 -15.54 6.48
CA GLY B 104 6.74 -15.57 5.67
C GLY B 104 7.13 -14.18 5.22
N GLY B 105 8.05 -14.12 4.27
CA GLY B 105 8.49 -12.84 3.74
C GLY B 105 7.55 -12.23 2.73
N GLY B 106 6.72 -13.03 2.08
CA GLY B 106 5.87 -12.55 1.01
C GLY B 106 6.43 -12.92 -0.36
N THR B 107 5.57 -12.75 -1.37
CA THR B 107 5.95 -13.02 -2.75
C THR B 107 5.10 -12.15 -3.67
N LYS B 108 5.75 -11.26 -4.41
CA LYS B 108 5.06 -10.32 -5.29
C LYS B 108 4.82 -10.99 -6.64
N LEU B 109 3.58 -11.40 -6.89
CA LEU B 109 3.21 -11.95 -8.18
C LEU B 109 3.04 -10.83 -9.18
N GLU B 110 3.83 -10.87 -10.25
CA GLU B 110 3.80 -9.84 -11.30
C GLU B 110 3.22 -10.45 -12.57
N ILE B 111 2.25 -9.74 -13.15
CA ILE B 111 1.62 -10.21 -14.39
C ILE B 111 2.53 -9.88 -15.55
N LYS B 112 2.98 -10.91 -16.27
CA LYS B 112 3.90 -10.71 -17.39
C LYS B 112 3.13 -10.23 -18.61
N ARG B 113 3.63 -9.16 -19.23
CA ARG B 113 2.91 -8.45 -20.27
C ARG B 113 3.88 -8.08 -21.38
N ALA B 114 3.33 -7.58 -22.48
CA ALA B 114 4.16 -7.03 -23.54
C ALA B 114 4.96 -5.83 -23.01
N ASP B 115 6.07 -5.55 -23.68
CA ASP B 115 6.85 -4.37 -23.33
C ASP B 115 6.07 -3.11 -23.65
N ALA B 116 6.14 -2.12 -22.76
CA ALA B 116 5.45 -0.86 -22.93
C ALA B 116 6.41 0.29 -22.69
N ALA B 117 6.19 1.38 -23.42
CA ALA B 117 7.02 2.57 -23.25
C ALA B 117 6.30 3.61 -22.41
N PRO B 118 7.00 4.27 -21.49
CA PRO B 118 6.34 5.26 -20.63
C PRO B 118 5.80 6.44 -21.45
N THR B 119 4.84 7.13 -20.86
CA THR B 119 4.32 8.39 -21.41
C THR B 119 4.80 9.51 -20.48
N VAL B 120 6.00 10.02 -20.77
CA VAL B 120 6.61 11.03 -19.90
C VAL B 120 5.89 12.35 -20.09
N SER B 121 5.40 12.92 -18.98
CA SER B 121 4.80 14.24 -18.97
C SER B 121 5.48 15.07 -17.88
N ILE B 122 5.88 16.29 -18.24
CA ILE B 122 6.56 17.19 -17.32
C ILE B 122 5.68 18.42 -17.11
N PHE B 123 5.76 19.00 -15.91
CA PHE B 123 4.95 20.16 -15.58
C PHE B 123 5.77 21.22 -14.85
N PRO B 124 5.79 22.45 -15.36
CA PRO B 124 6.50 23.53 -14.68
C PRO B 124 5.80 23.92 -13.40
N PRO B 125 6.49 24.65 -12.50
CA PRO B 125 5.86 25.04 -11.24
C PRO B 125 4.58 25.84 -11.45
N SER B 126 3.68 25.72 -10.48
CA SER B 126 2.42 26.44 -10.51
C SER B 126 2.62 27.89 -10.09
N SER B 127 1.92 28.81 -10.79
CA SER B 127 2.01 30.21 -10.41
C SER B 127 1.57 30.44 -8.97
N GLU B 128 0.66 29.60 -8.45
CA GLU B 128 0.26 29.73 -7.06
C GLU B 128 1.40 29.36 -6.12
N GLN B 129 2.07 28.24 -6.38
CA GLN B 129 3.21 27.85 -5.56
C GLN B 129 4.38 28.83 -5.72
N LEU B 130 4.53 29.43 -6.90
CA LEU B 130 5.62 30.37 -7.12
C LEU B 130 5.49 31.60 -6.23
N THR B 131 4.25 32.06 -6.01
CA THR B 131 4.04 33.15 -5.07
C THR B 131 4.37 32.73 -3.64
N SER B 132 4.24 31.45 -3.33
CA SER B 132 4.52 30.92 -2.01
C SER B 132 6.00 30.55 -1.83
N GLY B 133 6.89 31.14 -2.62
CA GLY B 133 8.30 30.85 -2.49
C GLY B 133 8.67 29.41 -2.76
N GLY B 134 7.82 28.68 -3.46
CA GLY B 134 8.11 27.30 -3.80
C GLY B 134 7.91 27.05 -5.28
N ALA B 135 8.64 26.04 -5.78
CA ALA B 135 8.57 25.67 -7.20
C ALA B 135 8.93 24.20 -7.32
N SER B 136 7.92 23.37 -7.56
CA SER B 136 8.11 21.92 -7.69
C SER B 136 7.91 21.53 -9.15
N VAL B 137 8.91 20.86 -9.72
CA VAL B 137 8.84 20.33 -11.08
C VAL B 137 8.47 18.86 -10.99
N VAL B 138 7.29 18.51 -11.49
CA VAL B 138 6.77 17.16 -11.42
C VAL B 138 6.95 16.48 -12.76
N CYS B 139 7.33 15.21 -12.74
CA CYS B 139 7.53 14.41 -13.94
C CYS B 139 6.70 13.14 -13.83
N PHE B 140 6.02 12.79 -14.91
CA PHE B 140 5.09 11.66 -14.94
C PHE B 140 5.54 10.64 -15.97
N LEU B 141 5.61 9.39 -15.56
CA LEU B 141 6.00 8.27 -16.43
C LEU B 141 4.99 7.16 -16.21
N ASN B 142 4.03 7.02 -17.13
CA ASN B 142 2.87 6.17 -16.93
C ASN B 142 2.79 5.08 -17.98
N ASN B 143 2.15 3.96 -17.61
CA ASN B 143 1.82 2.88 -18.51
C ASN B 143 3.06 2.36 -19.25
N PHE B 144 3.96 1.77 -18.46
CA PHE B 144 5.17 1.16 -18.99
C PHE B 144 5.37 -0.20 -18.35
N TYR B 145 6.31 -0.96 -18.91
CA TYR B 145 6.65 -2.28 -18.41
C TYR B 145 7.88 -2.80 -19.17
N PRO B 146 8.79 -3.52 -18.51
CA PRO B 146 8.75 -3.86 -17.08
C PRO B 146 8.95 -2.63 -16.19
N LYS B 147 9.00 -2.86 -14.88
CA LYS B 147 9.20 -1.81 -13.88
C LYS B 147 10.64 -1.29 -13.85
N ASP B 148 11.49 -1.66 -14.80
CA ASP B 148 12.91 -1.27 -14.80
C ASP B 148 13.07 0.02 -15.59
N ILE B 149 12.94 1.15 -14.90
CA ILE B 149 13.12 2.47 -15.50
C ILE B 149 13.97 3.31 -14.57
N ASN B 150 14.75 4.22 -15.15
CA ASN B 150 15.59 5.14 -14.40
C ASN B 150 15.26 6.57 -14.80
N VAL B 151 15.07 7.44 -13.81
CA VAL B 151 14.70 8.83 -14.02
C VAL B 151 15.88 9.71 -13.62
N LYS B 152 16.22 10.67 -14.47
CA LYS B 152 17.27 11.63 -14.20
C LYS B 152 16.69 13.05 -14.24
N TRP B 153 17.37 13.97 -13.57
CA TRP B 153 17.00 15.37 -13.54
C TRP B 153 18.23 16.22 -13.81
N LYS B 154 18.10 17.16 -14.75
CA LYS B 154 19.14 18.12 -15.06
C LYS B 154 18.62 19.53 -14.84
N ILE B 155 19.53 20.43 -14.46
CA ILE B 155 19.20 21.83 -14.21
C ILE B 155 20.23 22.67 -14.96
N ASP B 156 19.78 23.39 -15.98
CA ASP B 156 20.67 24.23 -16.79
C ASP B 156 21.86 23.42 -17.33
N GLY B 157 21.64 22.13 -17.58
CA GLY B 157 22.70 21.27 -18.06
C GLY B 157 23.64 20.79 -16.98
N SER B 158 23.10 20.10 -15.97
CA SER B 158 23.90 19.48 -14.94
C SER B 158 23.05 18.50 -14.14
N GLU B 159 23.50 17.24 -14.03
CA GLU B 159 22.73 16.23 -13.34
C GLU B 159 22.44 16.66 -11.91
N VAL B 160 21.17 16.70 -11.53
CA VAL B 160 20.74 17.14 -10.22
C VAL B 160 20.03 15.96 -9.56
N GLN B 161 20.79 15.14 -8.84
CA GLN B 161 20.22 14.11 -7.97
C GLN B 161 20.13 14.63 -6.54
N ASN B 162 19.41 15.75 -6.40
CA ASN B 162 19.32 16.46 -5.13
C ASN B 162 17.88 16.94 -4.95
N GLY B 163 17.28 16.57 -3.82
CA GLY B 163 15.91 16.95 -3.54
C GLY B 163 14.93 16.41 -4.56
N VAL B 164 14.94 15.10 -4.73
CA VAL B 164 14.12 14.42 -5.74
C VAL B 164 13.27 13.37 -5.04
N LEU B 165 11.97 13.39 -5.32
CA LEU B 165 11.03 12.42 -4.77
C LEU B 165 10.50 11.54 -5.89
N ASN B 166 10.62 10.23 -5.73
CA ASN B 166 10.08 9.26 -6.66
C ASN B 166 8.96 8.48 -5.99
N SER B 167 7.85 8.32 -6.70
CA SER B 167 6.69 7.59 -6.20
C SER B 167 6.30 6.51 -7.19
N TRP B 168 6.15 5.29 -6.70
CA TRP B 168 5.81 4.14 -7.52
C TRP B 168 4.46 3.60 -7.09
N THR B 169 3.55 3.45 -8.06
CA THR B 169 2.26 2.83 -7.81
C THR B 169 2.32 1.35 -8.18
N ASP B 170 1.38 0.59 -7.63
CA ASP B 170 1.34 -0.84 -7.88
C ASP B 170 1.03 -1.12 -9.34
N GLN B 171 1.05 -2.41 -9.71
CA GLN B 171 0.73 -2.82 -11.06
C GLN B 171 -0.78 -2.75 -11.29
N ASP B 172 -1.19 -2.09 -12.37
CA ASP B 172 -2.61 -1.89 -12.64
C ASP B 172 -3.31 -3.23 -12.84
N SER B 173 -4.47 -3.38 -12.23
CA SER B 173 -5.26 -4.60 -12.40
C SER B 173 -5.67 -4.77 -13.87
N LYS B 174 -6.09 -3.68 -14.50
CA LYS B 174 -6.52 -3.71 -15.90
C LYS B 174 -5.33 -3.53 -16.85
N ASP B 175 -4.61 -2.41 -16.70
CA ASP B 175 -3.50 -2.14 -17.61
C ASP B 175 -2.35 -3.12 -17.44
N SER B 176 -2.16 -3.65 -16.23
CA SER B 176 -0.97 -4.46 -15.93
C SER B 176 0.31 -3.67 -16.18
N THR B 177 0.25 -2.36 -16.01
CA THR B 177 1.38 -1.48 -16.23
C THR B 177 1.73 -0.74 -14.95
N TYR B 178 2.94 -0.19 -14.92
CA TYR B 178 3.43 0.61 -13.81
C TYR B 178 3.47 2.08 -14.20
N SER B 179 3.44 2.94 -13.19
CA SER B 179 3.50 4.38 -13.38
C SER B 179 4.33 5.01 -12.28
N MET B 180 5.25 5.88 -12.65
CA MET B 180 6.15 6.54 -11.72
C MET B 180 5.87 8.04 -11.67
N SER B 181 6.29 8.66 -10.58
CA SER B 181 6.17 10.12 -10.40
C SER B 181 7.39 10.63 -9.67
N SER B 182 8.22 11.38 -10.38
CA SER B 182 9.34 12.10 -9.78
C SER B 182 9.02 13.58 -9.71
N THR B 183 9.50 14.23 -8.65
CA THR B 183 9.27 15.66 -8.47
C THR B 183 10.54 16.30 -7.91
N LEU B 184 10.89 17.46 -8.46
CA LEU B 184 12.08 18.21 -8.05
C LEU B 184 11.62 19.47 -7.33
N THR B 185 11.65 19.43 -5.99
CA THR B 185 11.20 20.55 -5.17
C THR B 185 12.38 21.48 -4.91
N LEU B 186 12.34 22.67 -5.48
CA LEU B 186 13.35 23.70 -5.33
C LEU B 186 12.73 24.91 -4.64
N THR B 187 13.50 26.00 -4.57
CA THR B 187 13.00 27.28 -4.11
C THR B 187 12.76 28.20 -5.30
N LYS B 188 11.97 29.25 -5.06
CA LYS B 188 11.74 30.24 -6.11
C LYS B 188 13.04 30.88 -6.56
N ASP B 189 13.84 31.36 -5.59
CA ASP B 189 15.15 31.89 -5.92
C ASP B 189 15.98 30.86 -6.68
N GLU B 190 16.03 29.62 -6.18
CA GLU B 190 16.82 28.59 -6.85
C GLU B 190 16.24 28.23 -8.21
N TYR B 191 14.93 28.34 -8.37
CA TYR B 191 14.30 27.94 -9.64
C TYR B 191 14.56 28.98 -10.72
N GLU B 192 14.24 30.25 -10.46
CA GLU B 192 14.42 31.27 -11.47
C GLU B 192 15.88 31.55 -11.80
N ARG B 193 16.83 30.91 -11.12
CA ARG B 193 18.23 31.04 -11.46
C ARG B 193 18.65 30.11 -12.60
N HIS B 194 17.74 29.29 -13.11
CA HIS B 194 18.05 28.36 -14.18
C HIS B 194 16.91 28.40 -15.20
N ASN B 195 17.21 27.92 -16.41
CA ASN B 195 16.30 28.09 -17.53
C ASN B 195 15.78 26.77 -18.11
N SER B 196 16.60 25.73 -18.15
CA SER B 196 16.24 24.48 -18.82
C SER B 196 16.17 23.34 -17.81
N TYR B 197 15.05 22.64 -17.79
CA TYR B 197 14.79 21.55 -16.85
C TYR B 197 14.34 20.30 -17.61
N THR B 198 14.86 19.15 -17.18
CA THR B 198 14.62 17.90 -17.88
C THR B 198 14.47 16.76 -16.89
N CYS B 199 13.65 15.78 -17.26
CA CYS B 199 13.61 14.47 -16.60
C CYS B 199 13.69 13.41 -17.67
N GLU B 200 14.63 12.48 -17.50
CA GLU B 200 14.90 11.44 -18.50
C GLU B 200 14.51 10.07 -17.95
N ALA B 201 14.14 9.17 -18.86
CA ALA B 201 13.75 7.81 -18.52
C ALA B 201 14.44 6.84 -19.47
N THR B 202 15.24 5.93 -18.90
CA THR B 202 15.90 4.88 -19.66
C THR B 202 15.18 3.56 -19.42
N HIS B 203 14.63 2.99 -20.49
CA HIS B 203 13.78 1.82 -20.39
C HIS B 203 14.18 0.82 -21.46
N LYS B 204 13.87 -0.45 -21.22
CA LYS B 204 14.13 -1.48 -22.23
C LYS B 204 13.43 -1.13 -23.54
N THR B 205 12.31 -0.41 -23.47
CA THR B 205 11.47 -0.14 -24.62
C THR B 205 11.98 1.02 -25.48
N SER B 206 13.21 1.49 -25.25
CA SER B 206 13.73 2.61 -26.02
C SER B 206 15.25 2.57 -26.01
N THR B 207 15.84 2.43 -27.19
CA THR B 207 17.29 2.40 -27.30
C THR B 207 17.93 3.71 -26.84
N SER B 208 17.17 4.81 -26.84
CA SER B 208 17.65 6.10 -26.38
C SER B 208 16.76 6.60 -25.25
N PRO B 209 17.30 7.40 -24.32
CA PRO B 209 16.49 7.85 -23.18
C PRO B 209 15.39 8.81 -23.63
N ILE B 210 14.22 8.63 -23.03
CA ILE B 210 13.08 9.50 -23.29
C ILE B 210 13.30 10.81 -22.55
N VAL B 211 13.48 11.89 -23.30
CA VAL B 211 13.82 13.20 -22.74
C VAL B 211 12.62 14.12 -22.88
N LYS B 212 12.31 14.84 -21.81
CA LYS B 212 11.33 15.92 -21.81
C LYS B 212 11.95 17.12 -21.12
N SER B 213 11.67 18.31 -21.65
CA SER B 213 12.31 19.53 -21.17
C SER B 213 11.41 20.73 -21.47
N PHE B 214 11.73 21.84 -20.82
CA PHE B 214 11.07 23.11 -21.10
C PHE B 214 11.98 24.24 -20.64
N ASN B 215 11.73 25.43 -21.19
CA ASN B 215 12.46 26.64 -20.83
C ASN B 215 11.46 27.77 -20.71
N ARG B 216 11.36 28.35 -19.52
CA ARG B 216 10.35 29.38 -19.26
C ARG B 216 10.92 30.79 -19.43
#